data_9DAS
#
_entry.id   9DAS
#
_cell.length_a   71.235
_cell.length_b   156.288
_cell.length_c   57.496
_cell.angle_alpha   90.00
_cell.angle_beta   99.23
_cell.angle_gamma   90.00
#
_symmetry.space_group_name_H-M   'C 1 2 1'
#
loop_
_entity.id
_entity.type
_entity.pdbx_description
1 polymer 'Flagellin hook IN motif family'
2 non-polymer 'CALCIUM ION'
3 non-polymer GLYCEROL
4 water water
#
_entity_poly.entity_id   1
_entity_poly.type   'polypeptide(L)'
_entity_poly.pdbx_seq_one_letter_code
;MASSHHHHHHSSGLVPRGSHMPGQNYNIAFMVDSSGSIGSSAMNTIKSQLAQVFSSLKASAGTDGAGTVNIFLVDFDTLA
NKSVSVNLKDSNALSQLQAILDSMDGSTNSGGGTNYEDVFKTTANWFNSSTVQGNTNAKNLTYFITDGQPTFYLENEGSD
PMIRDRSGTVNDVYLSNVIGTSYTYGQTYSVNGRTVVNGNGVVYDYNGNQIGYMRPDGAGRYVYATLAGTGNSTSSTTIA
NSVAGFGLLTGMGVTVEAIGLGANISYNDLKSYDSDGVIMTGVNASDLANAILGTSVNNLP
;
_entity_poly.pdbx_strand_id   A,B
#
loop_
_chem_comp.id
_chem_comp.type
_chem_comp.name
_chem_comp.formula
CA non-polymer 'CALCIUM ION' 'Ca 2'
GOL non-polymer GLYCEROL 'C3 H8 O3'
#
# COMPACT_ATOMS: atom_id res chain seq x y z
N GLY A 23 -0.01 27.01 -1.74
CA GLY A 23 0.69 26.14 -0.80
C GLY A 23 0.45 24.67 -1.05
N GLN A 24 -0.26 24.35 -2.13
CA GLN A 24 -0.59 22.97 -2.43
C GLN A 24 0.66 22.20 -2.86
N ASN A 25 0.92 21.07 -2.20
CA ASN A 25 2.02 20.19 -2.58
C ASN A 25 1.57 19.27 -3.71
N TYR A 26 2.50 18.94 -4.61
CA TYR A 26 2.22 18.09 -5.76
C TYR A 26 3.34 17.08 -5.96
N ASN A 27 2.97 15.85 -6.32
CA ASN A 27 3.89 14.88 -6.90
C ASN A 27 3.36 14.55 -8.28
N ILE A 28 4.09 14.96 -9.32
CA ILE A 28 3.60 14.86 -10.70
C ILE A 28 4.54 13.98 -11.50
N ALA A 29 4.02 12.88 -12.04
CA ALA A 29 4.80 12.01 -12.91
C ALA A 29 4.42 12.18 -14.37
N PHE A 30 5.40 11.94 -15.24
CA PHE A 30 5.22 11.97 -16.68
C PHE A 30 5.76 10.67 -17.23
N MET A 31 4.88 9.88 -17.83
CA MET A 31 5.25 8.60 -18.41
C MET A 31 5.19 8.79 -19.92
N VAL A 32 6.34 8.74 -20.59
CA VAL A 32 6.46 9.23 -21.95
C VAL A 32 6.88 8.09 -22.88
N ASP A 33 5.98 7.78 -23.81
CA ASP A 33 6.21 6.74 -24.82
C ASP A 33 7.27 7.18 -25.84
N SER A 34 8.36 6.44 -25.91
CA SER A 34 9.34 6.63 -26.96
C SER A 34 9.51 5.37 -27.80
N SER A 35 8.41 4.66 -28.02
CA SER A 35 8.43 3.49 -28.87
C SER A 35 8.61 3.87 -30.33
N GLY A 36 8.94 2.88 -31.16
CA GLY A 36 9.26 3.14 -32.56
C GLY A 36 8.10 3.71 -33.37
N SER A 37 6.86 3.52 -32.91
CA SER A 37 5.71 4.13 -33.61
C SER A 37 5.69 5.65 -33.50
N ILE A 38 6.41 6.24 -32.54
CA ILE A 38 6.41 7.69 -32.38
C ILE A 38 7.09 8.35 -33.57
N GLY A 39 8.30 7.92 -33.90
CA GLY A 39 9.12 8.54 -34.93
C GLY A 39 9.89 9.73 -34.39
N SER A 40 11.04 10.01 -35.01
CA SER A 40 11.92 11.04 -34.48
C SER A 40 11.32 12.45 -34.59
N SER A 41 10.51 12.73 -35.62
CA SER A 41 9.92 14.06 -35.71
C SER A 41 9.01 14.35 -34.53
N ALA A 42 8.05 13.46 -34.27
CA ALA A 42 7.19 13.65 -33.12
C ALA A 42 7.97 13.62 -31.82
N MET A 43 8.97 12.73 -31.74
CA MET A 43 9.73 12.63 -30.50
C MET A 43 10.43 13.95 -30.21
N ASN A 44 11.00 14.56 -31.24
CA ASN A 44 11.69 15.84 -31.04
C ASN A 44 10.73 16.94 -30.60
N THR A 45 9.53 16.97 -31.18
CA THR A 45 8.53 17.94 -30.73
C THR A 45 8.10 17.65 -29.31
N ILE A 46 7.86 16.37 -28.98
CA ILE A 46 7.49 16.02 -27.62
C ILE A 46 8.53 16.50 -26.62
N LYS A 47 9.82 16.27 -26.92
CA LYS A 47 10.90 16.73 -26.03
C LYS A 47 10.86 18.23 -25.82
N SER A 48 10.67 18.97 -26.91
CA SER A 48 10.59 20.44 -26.82
C SER A 48 9.39 20.88 -26.02
N GLN A 49 8.23 20.24 -26.25
CA GLN A 49 7.03 20.61 -25.52
C GLN A 49 7.16 20.29 -24.04
N LEU A 50 7.72 19.13 -23.69
CA LEU A 50 7.84 18.78 -22.28
C LEU A 50 8.81 19.71 -21.54
N ALA A 51 9.89 20.11 -22.21
CA ALA A 51 10.79 21.09 -21.58
C ALA A 51 10.04 22.39 -21.30
N GLN A 52 9.13 22.79 -22.19
CA GLN A 52 8.31 23.97 -21.90
C GLN A 52 7.39 23.75 -20.71
N VAL A 53 6.81 22.55 -20.61
CA VAL A 53 5.98 22.24 -19.45
C VAL A 53 6.81 22.36 -18.17
N PHE A 54 8.02 21.80 -18.18
CA PHE A 54 8.82 21.77 -16.96
C PHE A 54 9.26 23.18 -16.57
N SER A 55 9.56 24.00 -17.58
CA SER A 55 9.92 25.40 -17.31
C SER A 55 8.74 26.17 -16.72
N SER A 56 7.53 25.93 -17.23
CA SER A 56 6.36 26.58 -16.65
C SER A 56 6.15 26.14 -15.21
N LEU A 57 6.25 24.83 -14.95
CA LEU A 57 6.06 24.32 -13.59
C LEU A 57 7.14 24.83 -12.66
N LYS A 58 8.37 24.96 -13.15
CA LYS A 58 9.45 25.57 -12.37
C LYS A 58 9.06 26.98 -11.93
N ALA A 59 8.56 27.78 -12.85
CA ALA A 59 8.15 29.15 -12.52
C ALA A 59 7.05 29.14 -11.46
N SER A 60 6.04 28.28 -11.63
CA SER A 60 4.96 28.18 -10.65
C SER A 60 5.49 27.75 -9.29
N ALA A 61 6.45 26.83 -9.25
CA ALA A 61 6.99 26.34 -7.99
C ALA A 61 7.88 27.38 -7.31
N GLY A 62 8.32 28.39 -8.03
CA GLY A 62 9.15 29.44 -7.47
C GLY A 62 8.41 30.66 -6.98
N THR A 63 7.09 30.66 -7.09
CA THR A 63 6.33 31.83 -6.66
C THR A 63 6.13 31.81 -5.16
N ASP A 64 5.79 32.97 -4.61
CA ASP A 64 5.62 33.11 -3.17
C ASP A 64 4.47 32.25 -2.68
N GLY A 65 4.69 31.51 -1.60
CA GLY A 65 3.68 30.64 -1.05
C GLY A 65 3.49 29.33 -1.77
N ALA A 66 4.32 29.02 -2.77
CA ALA A 66 4.17 27.76 -3.49
C ALA A 66 4.53 26.59 -2.59
N GLY A 67 3.77 25.49 -2.74
CA GLY A 67 4.10 24.25 -2.07
C GLY A 67 5.23 23.52 -2.79
N THR A 68 5.54 22.33 -2.28
CA THR A 68 6.60 21.50 -2.83
C THR A 68 6.07 20.76 -4.05
N VAL A 69 6.81 20.85 -5.16
CA VAL A 69 6.45 20.20 -6.40
C VAL A 69 7.58 19.25 -6.79
N ASN A 70 7.32 17.96 -6.68
CA ASN A 70 8.22 16.93 -7.18
C ASN A 70 7.78 16.49 -8.56
N ILE A 71 8.72 16.36 -9.49
CA ILE A 71 8.45 15.88 -10.84
C ILE A 71 9.20 14.59 -11.05
N PHE A 72 8.51 13.57 -11.55
CA PHE A 72 9.13 12.32 -11.98
C PHE A 72 8.94 12.21 -13.48
N LEU A 73 9.99 11.87 -14.20
CA LEU A 73 9.94 11.72 -15.65
C LEU A 73 10.55 10.38 -16.00
N VAL A 74 9.83 9.57 -16.77
CA VAL A 74 10.31 8.25 -17.18
C VAL A 74 10.06 8.09 -18.68
N ASP A 75 11.10 7.68 -19.40
CA ASP A 75 11.02 7.29 -20.79
C ASP A 75 10.72 5.81 -20.83
N PHE A 76 9.83 5.39 -21.73
CA PHE A 76 9.62 3.95 -21.86
C PHE A 76 9.44 3.51 -23.30
N ASP A 77 9.86 2.27 -23.56
CA ASP A 77 9.45 1.60 -24.77
C ASP A 77 9.33 0.11 -24.47
N THR A 78 10.29 -0.71 -24.88
CA THR A 78 10.25 -2.14 -24.58
C THR A 78 10.21 -2.36 -23.08
N LEU A 79 10.98 -1.57 -22.33
CA LEU A 79 10.86 -1.43 -20.90
C LEU A 79 10.92 0.06 -20.59
N ALA A 80 10.60 0.42 -19.36
CA ALA A 80 10.98 1.73 -18.87
C ALA A 80 12.50 1.84 -18.90
N ASN A 81 12.98 2.99 -19.35
CA ASN A 81 14.41 3.25 -19.51
C ASN A 81 14.87 4.16 -18.39
N LYS A 82 15.46 5.29 -18.72
CA LYS A 82 15.93 6.20 -17.69
C LYS A 82 14.77 6.96 -17.07
N SER A 83 14.94 7.29 -15.80
CA SER A 83 13.97 8.11 -15.09
C SER A 83 14.69 9.01 -14.11
N VAL A 84 14.01 10.07 -13.67
CA VAL A 84 14.56 10.93 -12.63
C VAL A 84 13.43 11.55 -11.84
N SER A 85 13.70 11.85 -10.57
CA SER A 85 12.81 12.55 -9.66
C SER A 85 13.52 13.83 -9.21
N VAL A 86 12.85 14.97 -9.31
CA VAL A 86 13.44 16.25 -8.94
C VAL A 86 12.44 17.07 -8.13
N ASN A 87 12.97 17.95 -7.30
CA ASN A 87 12.18 18.95 -6.60
C ASN A 87 12.46 20.26 -7.31
N LEU A 88 11.41 20.92 -7.80
CA LEU A 88 11.60 22.08 -8.65
C LEU A 88 12.24 23.28 -7.96
N LYS A 89 12.39 23.27 -6.63
CA LYS A 89 13.16 24.31 -5.97
C LYS A 89 14.64 24.23 -6.30
N ASP A 90 15.15 23.06 -6.70
CA ASP A 90 16.58 22.88 -6.85
C ASP A 90 17.07 23.41 -8.20
N SER A 91 18.27 24.00 -8.20
CA SER A 91 18.75 24.72 -9.38
C SER A 91 19.27 23.80 -10.47
N ASN A 92 19.28 22.49 -10.24
CA ASN A 92 19.63 21.54 -11.28
C ASN A 92 18.43 20.69 -11.68
N ALA A 93 17.23 21.08 -11.24
CA ALA A 93 16.03 20.28 -11.51
C ALA A 93 15.76 20.15 -13.00
N LEU A 94 15.75 21.29 -13.71
CA LEU A 94 15.46 21.25 -15.14
C LEU A 94 16.56 20.54 -15.91
N SER A 95 17.81 20.62 -15.44
CA SER A 95 18.90 19.91 -16.11
C SER A 95 18.72 18.40 -15.97
N GLN A 96 18.30 17.95 -14.80
CA GLN A 96 18.12 16.51 -14.62
C GLN A 96 16.97 16.00 -15.48
N LEU A 97 15.87 16.76 -15.54
CA LEU A 97 14.79 16.39 -16.45
C LEU A 97 15.27 16.43 -17.90
N GLN A 98 16.07 17.44 -18.25
CA GLN A 98 16.56 17.54 -19.62
C GLN A 98 17.40 16.32 -20.02
N ALA A 99 18.19 15.79 -19.09
CA ALA A 99 19.00 14.62 -19.43
C ALA A 99 18.12 13.44 -19.78
N ILE A 100 16.98 13.31 -19.09
CA ILE A 100 16.05 12.23 -19.44
C ILE A 100 15.44 12.49 -20.81
N LEU A 101 14.97 13.71 -21.06
CA LEU A 101 14.44 14.01 -22.39
C LEU A 101 15.47 13.70 -23.47
N ASP A 102 16.73 14.10 -23.25
CA ASP A 102 17.75 13.90 -24.27
C ASP A 102 18.02 12.43 -24.53
N SER A 103 17.79 11.57 -23.54
CA SER A 103 17.98 10.14 -23.70
C SER A 103 16.89 9.47 -24.51
N MET A 104 15.78 10.16 -24.79
CA MET A 104 14.65 9.52 -25.45
C MET A 104 14.95 9.35 -26.94
N ASP A 105 14.81 8.13 -27.42
CA ASP A 105 14.97 7.77 -28.82
C ASP A 105 13.63 7.20 -29.26
N GLY A 106 12.94 7.92 -30.14
CA GLY A 106 11.64 7.50 -30.63
C GLY A 106 11.70 7.15 -32.12
N SER A 107 12.90 6.86 -32.60
CA SER A 107 13.04 6.60 -34.03
C SER A 107 12.34 5.31 -34.42
N THR A 108 11.93 5.23 -35.69
CA THR A 108 11.27 4.01 -36.16
C THR A 108 12.16 2.79 -35.96
N ASN A 109 13.47 2.94 -36.18
CA ASN A 109 14.34 1.77 -36.21
C ASN A 109 14.91 1.37 -34.85
N SER A 110 15.03 2.29 -33.90
CA SER A 110 15.59 1.95 -32.59
C SER A 110 14.73 2.46 -31.44
N GLY A 111 13.51 2.91 -31.72
CA GLY A 111 12.66 3.42 -30.65
C GLY A 111 12.25 2.36 -29.65
N GLY A 112 11.94 1.16 -30.12
CA GLY A 112 11.59 0.05 -29.25
C GLY A 112 10.10 -0.30 -29.30
N GLY A 113 9.72 -1.27 -28.45
CA GLY A 113 8.34 -1.70 -28.33
C GLY A 113 7.56 -0.81 -27.36
N THR A 114 6.37 -1.26 -26.95
CA THR A 114 5.46 -0.40 -26.19
C THR A 114 4.98 -1.16 -24.95
N ASN A 115 5.65 -0.97 -23.81
CA ASN A 115 5.38 -1.76 -22.61
C ASN A 115 4.70 -0.87 -21.56
N TYR A 116 3.37 -0.80 -21.62
CA TYR A 116 2.63 -0.06 -20.62
C TYR A 116 2.87 -0.63 -19.22
N GLU A 117 2.82 -1.95 -19.09
CA GLU A 117 2.89 -2.55 -17.76
C GLU A 117 4.16 -2.12 -17.04
N ASP A 118 5.30 -2.20 -17.72
CA ASP A 118 6.56 -1.87 -17.06
C ASP A 118 6.61 -0.40 -16.65
N VAL A 119 6.10 0.51 -17.47
CA VAL A 119 6.18 1.92 -17.10
C VAL A 119 5.21 2.23 -15.96
N PHE A 120 4.04 1.58 -15.96
CA PHE A 120 3.10 1.78 -14.86
C PHE A 120 3.71 1.31 -13.53
N LYS A 121 4.35 0.13 -13.54
CA LYS A 121 4.97 -0.38 -12.31
C LYS A 121 6.15 0.47 -11.88
N THR A 122 6.97 0.91 -12.86
CA THR A 122 8.07 1.81 -12.53
C THR A 122 7.55 3.08 -11.85
N THR A 123 6.47 3.64 -12.38
CA THR A 123 5.93 4.87 -11.83
C THR A 123 5.23 4.61 -10.50
N ALA A 124 4.52 3.48 -10.39
CA ALA A 124 3.97 3.10 -9.09
C ALA A 124 5.07 2.99 -8.04
N ASN A 125 6.23 2.46 -8.42
CA ASN A 125 7.36 2.42 -7.49
C ASN A 125 7.74 3.83 -7.02
N TRP A 126 7.72 4.80 -7.92
CA TRP A 126 8.03 6.17 -7.49
C TRP A 126 7.00 6.67 -6.48
N PHE A 127 5.72 6.33 -6.68
CA PHE A 127 4.74 6.78 -5.71
C PHE A 127 4.84 6.06 -4.36
N ASN A 128 5.63 4.98 -4.29
CA ASN A 128 5.99 4.33 -3.03
C ASN A 128 7.26 4.90 -2.41
N SER A 129 7.92 5.83 -3.10
CA SER A 129 9.26 6.28 -2.73
C SER A 129 9.23 7.30 -1.59
N SER A 130 10.40 7.47 -0.97
CA SER A 130 10.53 8.43 0.12
C SER A 130 10.23 9.85 -0.34
N THR A 131 10.59 10.19 -1.59
CA THR A 131 10.29 11.52 -2.13
C THR A 131 8.79 11.80 -2.09
N VAL A 132 7.99 10.84 -2.54
CA VAL A 132 6.55 11.05 -2.61
C VAL A 132 5.93 11.01 -1.23
N GLN A 133 6.30 10.00 -0.44
CA GLN A 133 5.71 9.85 0.88
C GLN A 133 6.07 11.01 1.80
N GLY A 134 7.25 11.61 1.60
CA GLY A 134 7.65 12.74 2.41
C GLY A 134 6.97 14.05 2.06
N ASN A 135 6.33 14.12 0.89
CA ASN A 135 5.63 15.34 0.45
C ASN A 135 4.18 15.18 0.90
N THR A 136 3.91 15.59 2.13
CA THR A 136 2.65 15.21 2.76
C THR A 136 1.49 16.01 2.21
N ASN A 137 0.30 15.39 2.26
CA ASN A 137 -0.95 16.03 1.83
C ASN A 137 -0.84 16.55 0.41
N ALA A 138 -0.16 15.81 -0.44
CA ALA A 138 0.06 16.25 -1.80
C ALA A 138 -0.99 15.68 -2.74
N LYS A 139 -1.20 16.39 -3.84
CA LYS A 139 -1.95 15.86 -4.97
C LYS A 139 -1.00 15.03 -5.82
N ASN A 140 -1.33 13.75 -6.01
CA ASN A 140 -0.53 12.83 -6.81
C ASN A 140 -1.13 12.75 -8.21
N LEU A 141 -0.37 13.19 -9.21
CA LEU A 141 -0.84 13.28 -10.58
C LEU A 141 0.14 12.57 -11.49
N THR A 142 -0.38 11.92 -12.52
CA THR A 142 0.46 11.35 -13.57
C THR A 142 -0.11 11.69 -14.92
N TYR A 143 0.76 12.13 -15.84
CA TYR A 143 0.44 12.29 -17.25
C TYR A 143 0.99 11.10 -18.01
N PHE A 144 0.13 10.41 -18.76
CA PHE A 144 0.52 9.25 -19.55
C PHE A 144 0.39 9.67 -21.00
N ILE A 145 1.50 9.73 -21.71
CA ILE A 145 1.56 10.31 -23.04
C ILE A 145 1.98 9.22 -24.02
N THR A 146 1.08 8.83 -24.92
CA THR A 146 1.33 7.69 -25.79
C THR A 146 0.68 7.90 -27.15
N ASP A 147 1.23 7.23 -28.17
CA ASP A 147 0.67 7.27 -29.52
C ASP A 147 0.15 5.91 -29.98
N GLY A 148 0.09 4.91 -29.11
CA GLY A 148 -0.33 3.61 -29.60
C GLY A 148 -0.56 2.63 -28.49
N GLN A 149 -1.25 1.54 -28.84
CA GLN A 149 -1.55 0.47 -27.89
C GLN A 149 -0.29 -0.26 -27.45
N PRO A 150 -0.35 -0.95 -26.31
CA PRO A 150 0.82 -1.69 -25.86
C PRO A 150 1.10 -2.89 -26.76
N THR A 151 2.38 -3.21 -26.89
CA THR A 151 2.84 -4.34 -27.69
C THR A 151 3.74 -5.30 -26.92
N PHE A 152 4.16 -4.95 -25.71
CA PHE A 152 4.88 -5.84 -24.82
C PHE A 152 4.23 -5.74 -23.44
N TYR A 153 4.51 -6.73 -22.60
CA TYR A 153 4.08 -6.71 -21.20
C TYR A 153 5.06 -7.60 -20.44
N LEU A 154 4.80 -7.82 -19.15
CA LEU A 154 5.65 -8.67 -18.32
C LEU A 154 4.86 -9.87 -17.81
N GLU A 155 5.55 -11.00 -17.70
CA GLU A 155 4.93 -12.17 -17.11
C GLU A 155 5.93 -12.85 -16.20
N ASN A 156 5.47 -13.93 -15.57
CA ASN A 156 6.33 -14.75 -14.71
C ASN A 156 6.91 -13.93 -13.57
N GLU A 157 6.18 -12.93 -13.10
CA GLU A 157 6.74 -12.03 -12.10
C GLU A 157 7.01 -12.76 -10.79
N GLY A 158 8.22 -12.55 -10.28
CA GLY A 158 8.62 -13.18 -9.04
C GLY A 158 8.92 -14.66 -9.14
N SER A 159 8.88 -15.23 -10.33
CA SER A 159 9.13 -16.66 -10.47
C SER A 159 10.61 -16.93 -10.30
N ASP A 160 10.93 -18.23 -10.23
CA ASP A 160 12.26 -18.72 -9.87
C ASP A 160 12.81 -19.54 -11.03
N PRO A 161 13.43 -18.91 -12.02
CA PRO A 161 13.91 -19.64 -13.20
C PRO A 161 15.16 -20.45 -12.88
N MET A 162 15.32 -21.52 -13.65
CA MET A 162 16.54 -22.29 -13.68
C MET A 162 17.66 -21.47 -14.30
N ILE A 163 18.78 -21.36 -13.59
CA ILE A 163 19.97 -20.68 -14.10
C ILE A 163 20.98 -21.68 -14.67
N ARG A 164 21.26 -22.76 -13.94
CA ARG A 164 22.15 -23.82 -14.41
C ARG A 164 21.51 -25.17 -14.14
N ASP A 165 21.20 -25.90 -15.21
CA ASP A 165 20.54 -27.20 -15.12
C ASP A 165 21.61 -28.27 -15.30
N ARG A 166 21.79 -29.08 -14.27
CA ARG A 166 22.73 -30.21 -14.27
C ARG A 166 21.96 -31.51 -14.13
N SER A 167 22.68 -32.63 -14.24
CA SER A 167 22.02 -33.92 -14.11
C SER A 167 21.38 -34.06 -12.73
N GLY A 168 20.19 -34.64 -12.70
CA GLY A 168 19.49 -34.72 -11.42
C GLY A 168 18.96 -33.35 -11.03
N THR A 169 18.73 -33.19 -9.73
CA THR A 169 18.30 -31.90 -9.20
C THR A 169 19.24 -31.30 -8.18
N VAL A 170 20.08 -32.10 -7.50
CA VAL A 170 20.77 -31.60 -6.32
C VAL A 170 21.78 -30.51 -6.63
N ASN A 171 22.29 -30.48 -7.86
CA ASN A 171 23.30 -29.50 -8.28
C ASN A 171 22.70 -28.40 -9.15
N ASP A 172 21.38 -28.41 -9.34
CA ASP A 172 20.77 -27.35 -10.13
C ASP A 172 20.90 -26.02 -9.40
N VAL A 173 21.00 -24.95 -10.18
CA VAL A 173 21.07 -23.58 -9.64
C VAL A 173 19.86 -22.81 -10.14
N TYR A 174 19.01 -22.38 -9.22
CA TYR A 174 17.90 -21.50 -9.53
C TYR A 174 18.29 -20.07 -9.21
N LEU A 175 17.51 -19.13 -9.77
CA LEU A 175 17.74 -17.73 -9.42
C LEU A 175 17.70 -17.51 -7.92
N SER A 176 16.81 -18.23 -7.21
CA SER A 176 16.71 -18.09 -5.76
C SER A 176 18.00 -18.50 -5.06
N ASN A 177 18.78 -19.41 -5.65
CA ASN A 177 20.06 -19.78 -5.07
C ASN A 177 21.10 -18.70 -5.29
N VAL A 178 20.88 -17.84 -6.28
CA VAL A 178 21.82 -16.76 -6.60
C VAL A 178 21.50 -15.52 -5.79
N ILE A 179 20.23 -15.11 -5.78
CA ILE A 179 19.84 -13.85 -5.16
C ILE A 179 19.26 -14.00 -3.76
N GLY A 180 18.82 -15.19 -3.38
CA GLY A 180 18.33 -15.36 -2.02
C GLY A 180 17.07 -14.56 -1.73
N THR A 181 16.91 -14.19 -0.47
CA THR A 181 15.78 -13.38 -0.03
C THR A 181 16.14 -11.92 0.12
N SER A 182 17.27 -11.49 -0.44
CA SER A 182 17.74 -10.13 -0.20
C SER A 182 18.30 -9.51 -1.47
N TYR A 183 17.61 -9.71 -2.60
CA TYR A 183 18.09 -9.13 -3.85
C TYR A 183 18.23 -7.62 -3.71
N THR A 184 19.39 -7.09 -4.13
CA THR A 184 19.62 -5.65 -4.18
C THR A 184 19.75 -5.22 -5.63
N TYR A 185 18.82 -4.37 -6.08
CA TYR A 185 18.90 -3.89 -7.45
C TYR A 185 20.21 -3.13 -7.64
N GLY A 186 20.90 -3.43 -8.74
CA GLY A 186 22.18 -2.82 -9.05
C GLY A 186 23.39 -3.63 -8.60
N GLN A 187 23.22 -4.60 -7.71
CA GLN A 187 24.30 -5.50 -7.35
C GLN A 187 24.47 -6.56 -8.45
N THR A 188 25.72 -6.86 -8.79
CA THR A 188 25.99 -7.90 -9.77
C THR A 188 26.07 -9.25 -9.06
N TYR A 189 25.40 -10.25 -9.62
CA TYR A 189 25.40 -11.60 -9.08
C TYR A 189 25.98 -12.55 -10.12
N SER A 190 26.76 -13.53 -9.64
CA SER A 190 27.49 -14.41 -10.55
C SER A 190 27.43 -15.85 -10.06
N VAL A 191 27.62 -16.78 -11.00
CA VAL A 191 27.78 -18.20 -10.72
C VAL A 191 29.07 -18.63 -11.41
N ASN A 192 30.05 -19.08 -10.62
CA ASN A 192 31.35 -19.50 -11.17
C ASN A 192 31.97 -18.42 -12.02
N GLY A 193 31.91 -17.17 -11.55
CA GLY A 193 32.42 -16.05 -12.30
C GLY A 193 31.62 -15.66 -13.52
N ARG A 194 30.51 -16.34 -13.81
CA ARG A 194 29.65 -15.97 -14.93
C ARG A 194 28.55 -15.06 -14.41
N THR A 195 28.34 -13.94 -15.09
CA THR A 195 27.33 -12.99 -14.64
C THR A 195 25.94 -13.55 -14.88
N VAL A 196 25.14 -13.57 -13.83
CA VAL A 196 23.77 -14.06 -13.88
C VAL A 196 22.76 -12.92 -13.74
N VAL A 197 23.06 -11.92 -12.93
CA VAL A 197 22.28 -10.69 -12.85
C VAL A 197 23.26 -9.54 -12.92
N ASN A 198 23.13 -8.69 -13.93
CA ASN A 198 24.02 -7.55 -14.07
C ASN A 198 23.46 -6.34 -13.32
N GLY A 199 24.23 -5.24 -13.31
CA GLY A 199 23.85 -4.08 -12.52
C GLY A 199 22.59 -3.41 -13.00
N ASN A 200 22.22 -3.61 -14.27
CA ASN A 200 20.95 -3.09 -14.78
C ASN A 200 19.80 -4.04 -14.56
N GLY A 201 20.04 -5.16 -13.88
CA GLY A 201 19.00 -6.12 -13.57
C GLY A 201 18.71 -7.12 -14.66
N VAL A 202 19.52 -7.18 -15.71
CA VAL A 202 19.31 -8.19 -16.74
C VAL A 202 19.74 -9.55 -16.19
N VAL A 203 18.89 -10.56 -16.40
CA VAL A 203 19.12 -11.90 -15.87
C VAL A 203 19.49 -12.83 -17.01
N TYR A 204 20.58 -13.59 -16.81
CA TYR A 204 21.09 -14.54 -17.80
C TYR A 204 21.15 -15.92 -17.17
N ASP A 205 20.97 -16.94 -18.00
CA ASP A 205 21.28 -18.29 -17.55
C ASP A 205 22.79 -18.53 -17.57
N TYR A 206 23.19 -19.72 -17.15
CA TYR A 206 24.62 -20.03 -17.01
C TYR A 206 25.32 -20.04 -18.37
N ASN A 207 24.59 -20.31 -19.45
CA ASN A 207 25.16 -20.32 -20.79
C ASN A 207 25.23 -18.92 -21.40
N GLY A 208 24.77 -17.90 -20.69
CA GLY A 208 24.81 -16.54 -21.20
C GLY A 208 23.59 -16.11 -21.97
N ASN A 209 22.55 -16.94 -22.04
CA ASN A 209 21.32 -16.53 -22.70
C ASN A 209 20.55 -15.59 -21.76
N GLN A 210 20.11 -14.45 -22.29
CA GLN A 210 19.26 -13.56 -21.52
C GLN A 210 17.90 -14.21 -21.34
N ILE A 211 17.40 -14.22 -20.09
CA ILE A 211 16.12 -14.90 -19.82
C ILE A 211 15.07 -13.95 -19.25
N GLY A 212 15.49 -12.90 -18.55
CA GLY A 212 14.52 -11.99 -17.98
C GLY A 212 15.20 -10.77 -17.39
N TYR A 213 14.46 -10.08 -16.51
CA TYR A 213 14.90 -8.81 -15.96
C TYR A 213 14.38 -8.67 -14.54
N MET A 214 15.14 -7.98 -13.70
CA MET A 214 14.67 -7.58 -12.37
C MET A 214 14.02 -6.22 -12.56
N ARG A 215 12.69 -6.16 -12.49
CA ARG A 215 11.92 -4.97 -12.83
C ARG A 215 11.16 -4.45 -11.63
N PRO A 216 10.82 -3.15 -11.61
CA PRO A 216 9.91 -2.65 -10.59
C PRO A 216 8.65 -3.50 -10.54
N ASP A 217 8.17 -3.75 -9.32
CA ASP A 217 6.94 -4.52 -9.18
C ASP A 217 5.72 -3.67 -8.92
N GLY A 218 5.86 -2.35 -8.79
CA GLY A 218 4.74 -1.50 -8.50
C GLY A 218 4.42 -1.39 -7.04
N ALA A 219 5.20 -2.06 -6.17
CA ALA A 219 5.02 -1.97 -4.73
C ALA A 219 6.30 -1.50 -4.04
N GLY A 220 7.24 -0.96 -4.81
CA GLY A 220 8.47 -0.42 -4.26
C GLY A 220 9.66 -1.33 -4.36
N ARG A 221 9.55 -2.48 -5.01
CA ARG A 221 10.59 -3.49 -5.06
C ARG A 221 10.99 -3.77 -6.50
N TYR A 222 12.03 -4.59 -6.65
CA TYR A 222 12.50 -5.05 -7.95
C TYR A 222 12.45 -6.56 -7.92
N VAL A 223 11.78 -7.14 -8.92
CA VAL A 223 11.41 -8.55 -8.90
C VAL A 223 11.57 -9.12 -10.30
N TYR A 224 11.97 -10.39 -10.38
CA TYR A 224 12.16 -11.05 -11.67
C TYR A 224 10.89 -10.98 -12.51
N ALA A 225 11.07 -10.77 -13.81
CA ALA A 225 9.97 -10.86 -14.76
C ALA A 225 10.54 -11.19 -16.13
N THR A 226 9.70 -11.73 -17.00
CA THR A 226 10.09 -11.99 -18.38
C THR A 226 9.28 -11.11 -19.32
N LEU A 227 9.92 -10.72 -20.41
CA LEU A 227 9.25 -9.90 -21.41
C LEU A 227 8.32 -10.79 -22.22
N ALA A 228 7.10 -10.32 -22.45
CA ALA A 228 6.13 -11.09 -23.20
C ALA A 228 5.47 -10.20 -24.25
N GLY A 229 4.84 -10.83 -25.23
CA GLY A 229 4.21 -10.11 -26.31
C GLY A 229 5.07 -10.10 -27.56
N THR A 230 4.45 -9.68 -28.67
CA THR A 230 5.18 -9.70 -29.94
C THR A 230 6.05 -8.47 -30.14
N GLY A 231 5.71 -7.35 -29.48
CA GLY A 231 6.45 -6.13 -29.71
C GLY A 231 5.96 -5.32 -30.89
N ASN A 232 5.05 -5.85 -31.70
CA ASN A 232 4.58 -5.13 -32.87
C ASN A 232 3.09 -5.32 -33.11
N SER A 233 2.37 -5.92 -32.17
CA SER A 233 0.93 -6.09 -32.23
C SER A 233 0.41 -6.16 -30.81
N THR A 234 -0.91 -6.11 -30.68
CA THR A 234 -1.57 -6.03 -29.38
C THR A 234 -2.60 -7.14 -29.28
N SER A 235 -2.56 -7.87 -28.16
CA SER A 235 -3.52 -8.93 -27.90
C SER A 235 -4.32 -8.61 -26.66
N SER A 236 -5.38 -9.37 -26.45
CA SER A 236 -6.17 -9.24 -25.24
C SER A 236 -5.31 -9.43 -24.01
N THR A 237 -4.35 -10.36 -24.07
CA THR A 237 -3.46 -10.59 -22.93
C THR A 237 -2.56 -9.38 -22.69
N THR A 238 -2.03 -8.78 -23.77
CA THR A 238 -1.22 -7.57 -23.58
C THR A 238 -2.02 -6.51 -22.86
N ILE A 239 -3.27 -6.31 -23.28
CA ILE A 239 -4.12 -5.30 -22.67
C ILE A 239 -4.41 -5.65 -21.22
N ALA A 240 -4.76 -6.92 -20.94
CA ALA A 240 -5.12 -7.30 -19.57
C ALA A 240 -3.95 -7.06 -18.62
N ASN A 241 -2.73 -7.36 -19.08
CA ASN A 241 -1.56 -7.14 -18.26
C ASN A 241 -1.30 -5.66 -18.05
N SER A 242 -1.56 -4.85 -19.09
CA SER A 242 -1.40 -3.40 -18.99
C SER A 242 -2.38 -2.83 -17.98
N VAL A 243 -3.64 -3.29 -18.02
CA VAL A 243 -4.65 -2.80 -17.07
C VAL A 243 -4.30 -3.22 -15.65
N ALA A 244 -3.74 -4.43 -15.48
CA ALA A 244 -3.36 -4.86 -14.15
C ALA A 244 -2.24 -4.00 -13.58
N GLY A 245 -1.22 -3.72 -14.41
CA GLY A 245 -0.18 -2.80 -13.98
C GLY A 245 -0.72 -1.43 -13.63
N PHE A 246 -1.67 -0.94 -14.43
CA PHE A 246 -2.25 0.37 -14.18
C PHE A 246 -2.89 0.44 -12.81
N GLY A 247 -3.54 -0.65 -12.38
CA GLY A 247 -4.20 -0.64 -11.08
C GLY A 247 -3.23 -0.48 -9.92
N LEU A 248 -1.99 -0.93 -10.09
CA LEU A 248 -0.99 -0.68 -9.05
C LEU A 248 -0.65 0.80 -8.92
N LEU A 249 -0.65 1.51 -10.05
CA LEU A 249 -0.39 2.94 -10.03
C LEU A 249 -1.55 3.71 -9.41
N THR A 250 -2.78 3.49 -9.90
CA THR A 250 -3.90 4.21 -9.29
C THR A 250 -4.09 3.80 -7.84
N GLY A 251 -3.76 2.55 -7.52
CA GLY A 251 -3.90 2.04 -6.17
C GLY A 251 -3.05 2.76 -5.15
N MET A 252 -2.01 3.47 -5.59
CA MET A 252 -1.23 4.31 -4.70
C MET A 252 -1.93 5.62 -4.37
N GLY A 253 -3.13 5.83 -4.91
CA GLY A 253 -3.83 7.10 -4.77
C GLY A 253 -3.30 8.15 -5.72
N VAL A 254 -3.35 7.85 -7.01
CA VAL A 254 -2.78 8.68 -8.07
C VAL A 254 -3.87 8.94 -9.10
N THR A 255 -4.02 10.20 -9.50
CA THR A 255 -4.91 10.57 -10.59
C THR A 255 -4.09 10.56 -11.87
N VAL A 256 -4.59 9.86 -12.89
CA VAL A 256 -3.87 9.73 -14.14
C VAL A 256 -4.63 10.45 -15.24
N GLU A 257 -3.94 11.30 -16.00
CA GLU A 257 -4.45 11.94 -17.19
C GLU A 257 -3.76 11.30 -18.39
N ALA A 258 -4.51 10.61 -19.23
CA ALA A 258 -3.96 9.98 -20.43
C ALA A 258 -4.17 10.91 -21.62
N ILE A 259 -3.13 11.09 -22.42
CA ILE A 259 -3.14 11.97 -23.58
C ILE A 259 -2.72 11.12 -24.76
N GLY A 260 -3.62 10.98 -25.74
CA GLY A 260 -3.37 10.20 -26.93
C GLY A 260 -2.90 11.10 -28.06
N LEU A 261 -1.68 10.86 -28.53
CA LEU A 261 -1.11 11.61 -29.63
C LEU A 261 -1.37 10.92 -30.95
N GLY A 262 -1.75 11.70 -31.96
CA GLY A 262 -1.83 11.18 -33.31
C GLY A 262 -3.07 10.35 -33.60
N ALA A 263 -3.04 9.70 -34.76
CA ALA A 263 -4.24 9.10 -35.34
C ALA A 263 -4.45 7.65 -34.96
N ASN A 264 -3.52 7.03 -34.25
CA ASN A 264 -3.56 5.58 -34.07
C ASN A 264 -3.85 5.18 -32.63
N ILE A 265 -4.49 6.06 -31.87
CA ILE A 265 -4.87 5.74 -30.50
C ILE A 265 -6.23 6.38 -30.27
N SER A 266 -7.22 5.55 -29.96
CA SER A 266 -8.61 5.95 -29.86
C SER A 266 -8.95 6.24 -28.40
N TYR A 267 -10.08 6.92 -28.19
CA TYR A 267 -10.61 7.10 -26.84
C TYR A 267 -10.68 5.76 -26.12
N ASN A 268 -11.22 4.75 -26.78
CA ASN A 268 -11.38 3.46 -26.12
C ASN A 268 -10.05 2.81 -25.79
N ASP A 269 -8.98 3.12 -26.53
CA ASP A 269 -7.66 2.60 -26.21
C ASP A 269 -7.08 3.22 -24.96
N LEU A 270 -7.59 4.37 -24.52
CA LEU A 270 -7.07 5.01 -23.31
C LEU A 270 -8.07 5.02 -22.18
N LYS A 271 -9.29 4.51 -22.41
CA LYS A 271 -10.34 4.55 -21.40
C LYS A 271 -9.91 3.86 -20.11
N SER A 272 -9.14 2.79 -20.22
CA SER A 272 -8.75 2.06 -19.02
C SER A 272 -7.62 2.72 -18.26
N TYR A 273 -7.01 3.76 -18.81
CA TYR A 273 -5.80 4.35 -18.26
C TYR A 273 -5.98 5.81 -17.91
N ASP A 274 -7.21 6.23 -17.65
CA ASP A 274 -7.49 7.61 -17.35
C ASP A 274 -8.49 7.68 -16.21
N SER A 275 -8.22 8.55 -15.24
CA SER A 275 -8.98 8.55 -14.00
C SER A 275 -10.41 9.05 -14.15
N ASP A 276 -10.64 10.08 -14.97
CA ASP A 276 -11.98 10.66 -15.02
C ASP A 276 -12.74 10.41 -16.31
N GLY A 277 -12.16 9.71 -17.27
CA GLY A 277 -12.84 9.48 -18.54
C GLY A 277 -12.90 10.67 -19.47
N VAL A 278 -12.34 11.81 -19.08
CA VAL A 278 -12.16 12.93 -19.99
C VAL A 278 -10.76 12.77 -20.60
N ILE A 279 -10.70 12.49 -21.89
CA ILE A 279 -9.45 12.05 -22.52
C ILE A 279 -9.31 12.78 -23.85
N MET A 280 -8.18 13.48 -24.03
CA MET A 280 -7.85 14.06 -25.32
C MET A 280 -7.12 13.03 -26.17
N THR A 281 -7.64 12.78 -27.37
CA THR A 281 -6.98 11.92 -28.35
C THR A 281 -6.87 12.67 -29.66
N GLY A 282 -6.03 12.14 -30.55
CA GLY A 282 -5.75 12.83 -31.79
C GLY A 282 -4.93 14.08 -31.59
N VAL A 283 -4.28 14.22 -30.44
CA VAL A 283 -3.52 15.41 -30.10
C VAL A 283 -2.27 15.48 -30.95
N ASN A 284 -2.06 16.63 -31.55
CA ASN A 284 -0.88 16.94 -32.30
C ASN A 284 0.30 17.13 -31.34
N ALA A 285 1.49 16.71 -31.74
CA ALA A 285 2.64 16.85 -30.83
C ALA A 285 2.88 18.30 -30.46
N SER A 286 2.58 19.22 -31.38
CA SER A 286 2.79 20.65 -31.13
C SER A 286 1.80 21.24 -30.15
N ASP A 287 0.76 20.50 -29.75
CA ASP A 287 -0.20 20.96 -28.77
C ASP A 287 0.00 20.34 -27.40
N LEU A 288 1.07 19.57 -27.21
CA LEU A 288 1.23 18.80 -25.98
C LEU A 288 1.36 19.69 -24.75
N ALA A 289 2.21 20.73 -24.83
CA ALA A 289 2.41 21.57 -23.65
C ALA A 289 1.13 22.25 -23.24
N ASN A 290 0.38 22.79 -24.21
CA ASN A 290 -0.90 23.42 -23.91
C ASN A 290 -1.90 22.42 -23.34
N ALA A 291 -1.91 21.20 -23.91
CA ALA A 291 -2.82 20.17 -23.42
C ALA A 291 -2.57 19.86 -21.95
N ILE A 292 -1.30 19.87 -21.54
CA ILE A 292 -0.96 19.60 -20.14
C ILE A 292 -1.21 20.83 -19.27
N LEU A 293 -0.67 21.98 -19.67
CA LEU A 293 -0.67 23.16 -18.79
C LEU A 293 -2.04 23.82 -18.70
N GLY A 294 -2.81 23.78 -19.78
CA GLY A 294 -4.08 24.49 -19.84
C GLY A 294 -5.31 23.68 -19.49
N THR A 295 -5.15 22.45 -18.99
CA THR A 295 -6.30 21.56 -18.83
C THR A 295 -6.62 21.32 -17.35
N PRO B 22 -24.83 -6.03 41.64
CA PRO B 22 -23.59 -6.48 42.27
C PRO B 22 -23.01 -7.71 41.58
N GLY B 23 -21.69 -7.71 41.36
CA GLY B 23 -21.08 -8.79 40.63
C GLY B 23 -21.26 -8.70 39.13
N GLN B 24 -21.65 -7.54 38.61
CA GLN B 24 -21.85 -7.35 37.17
C GLN B 24 -20.53 -7.59 36.43
N ASN B 25 -20.55 -8.51 35.47
CA ASN B 25 -19.36 -8.80 34.68
C ASN B 25 -19.29 -7.83 33.50
N TYR B 26 -18.06 -7.50 33.09
CA TYR B 26 -17.82 -6.59 31.98
C TYR B 26 -16.70 -7.11 31.09
N ASN B 27 -16.89 -6.93 29.78
CA ASN B 27 -15.83 -7.12 28.79
C ASN B 27 -15.77 -5.83 27.98
N ILE B 28 -14.72 -5.03 28.19
CA ILE B 28 -14.63 -3.68 27.65
C ILE B 28 -13.40 -3.58 26.75
N ALA B 29 -13.61 -3.24 25.48
CA ALA B 29 -12.53 -3.10 24.51
C ALA B 29 -12.31 -1.64 24.16
N PHE B 30 -11.06 -1.29 23.89
CA PHE B 30 -10.68 0.04 23.41
C PHE B 30 -9.92 -0.12 22.11
N MET B 31 -10.47 0.44 21.03
CA MET B 31 -9.84 0.44 19.71
C MET B 31 -9.36 1.86 19.46
N VAL B 32 -8.04 2.05 19.44
CA VAL B 32 -7.44 3.38 19.48
C VAL B 32 -6.67 3.64 18.19
N ASP B 33 -7.14 4.63 17.43
CA ASP B 33 -6.49 5.12 16.21
C ASP B 33 -5.17 5.79 16.57
N SER B 34 -4.09 5.35 15.92
CA SER B 34 -2.80 6.03 16.01
C SER B 34 -2.24 6.33 14.62
N SER B 35 -3.11 6.74 13.71
CA SER B 35 -2.69 7.14 12.37
C SER B 35 -1.85 8.42 12.43
N GLY B 36 -1.21 8.74 11.30
CA GLY B 36 -0.25 9.84 11.25
C GLY B 36 -0.86 11.22 11.37
N SER B 37 -2.18 11.34 11.17
CA SER B 37 -2.84 12.64 11.32
C SER B 37 -2.96 13.05 12.78
N ILE B 38 -2.83 12.12 13.72
CA ILE B 38 -2.88 12.46 15.14
C ILE B 38 -1.72 13.39 15.51
N GLY B 39 -0.50 12.97 15.19
CA GLY B 39 0.66 13.72 15.65
C GLY B 39 1.15 13.22 16.99
N SER B 40 2.47 13.35 17.20
CA SER B 40 3.10 12.76 18.38
C SER B 40 2.64 13.42 19.67
N SER B 41 2.37 14.72 19.64
CA SER B 41 1.94 15.41 20.86
C SER B 41 0.54 14.96 21.26
N ALA B 42 -0.41 14.98 20.32
CA ALA B 42 -1.74 14.48 20.62
C ALA B 42 -1.71 13.02 21.03
N MET B 43 -0.82 12.22 20.42
CA MET B 43 -0.74 10.81 20.77
C MET B 43 -0.33 10.62 22.22
N ASN B 44 0.68 11.38 22.68
CA ASN B 44 1.10 11.28 24.08
C ASN B 44 -0.02 11.73 25.02
N THR B 45 -0.78 12.75 24.63
CA THR B 45 -1.93 13.14 25.43
C THR B 45 -2.97 12.04 25.49
N ILE B 46 -3.27 11.43 24.33
CA ILE B 46 -4.20 10.31 24.28
C ILE B 46 -3.73 9.19 25.20
N LYS B 47 -2.42 8.91 25.20
CA LYS B 47 -1.90 7.82 26.01
C LYS B 47 -2.08 8.10 27.50
N SER B 48 -1.78 9.32 27.94
CA SER B 48 -1.96 9.65 29.35
C SER B 48 -3.44 9.69 29.73
N GLN B 49 -4.30 10.18 28.82
CA GLN B 49 -5.74 10.16 29.08
C GLN B 49 -6.24 8.73 29.27
N LEU B 50 -5.80 7.80 28.40
CA LEU B 50 -6.26 6.43 28.51
C LEU B 50 -5.71 5.75 29.76
N ALA B 51 -4.47 6.07 30.14
CA ALA B 51 -3.92 5.54 31.38
C ALA B 51 -4.77 5.96 32.58
N GLN B 52 -5.27 7.20 32.57
CA GLN B 52 -6.18 7.64 33.62
C GLN B 52 -7.48 6.84 33.59
N VAL B 53 -8.02 6.59 32.39
CA VAL B 53 -9.25 5.81 32.27
C VAL B 53 -9.08 4.43 32.90
N PHE B 54 -7.98 3.74 32.56
CA PHE B 54 -7.78 2.39 33.06
C PHE B 54 -7.63 2.39 34.58
N SER B 55 -6.92 3.39 35.11
CA SER B 55 -6.78 3.52 36.56
C SER B 55 -8.13 3.76 37.21
N SER B 56 -8.93 4.66 36.65
CA SER B 56 -10.26 4.93 37.19
C SER B 56 -11.13 3.66 37.16
N LEU B 57 -11.08 2.92 36.06
CA LEU B 57 -11.91 1.73 35.93
C LEU B 57 -11.50 0.64 36.91
N LYS B 58 -10.19 0.53 37.18
CA LYS B 58 -9.75 -0.47 38.16
C LYS B 58 -10.26 -0.11 39.55
N ALA B 59 -10.22 1.17 39.89
CA ALA B 59 -10.76 1.62 41.17
C ALA B 59 -12.26 1.37 41.23
N SER B 60 -12.99 1.80 40.20
CA SER B 60 -14.44 1.66 40.17
C SER B 60 -14.89 0.21 40.21
N ALA B 61 -14.06 -0.71 39.69
CA ALA B 61 -14.46 -2.11 39.68
C ALA B 61 -14.69 -2.63 41.10
N GLY B 62 -13.89 -2.17 42.05
CA GLY B 62 -14.07 -2.54 43.44
C GLY B 62 -15.22 -1.79 44.08
N THR B 63 -15.16 -0.46 44.06
CA THR B 63 -16.16 0.37 44.74
C THR B 63 -17.56 0.14 44.20
N ASP B 64 -17.70 -0.13 42.92
CA ASP B 64 -18.99 -0.40 42.33
C ASP B 64 -19.37 -1.88 42.39
N GLY B 65 -18.51 -2.73 42.95
CA GLY B 65 -18.81 -4.13 43.16
C GLY B 65 -18.97 -4.95 41.90
N ALA B 66 -18.15 -4.67 40.89
CA ALA B 66 -18.24 -5.44 39.66
C ALA B 66 -17.73 -6.85 39.91
N GLY B 67 -18.15 -7.77 39.05
CA GLY B 67 -17.61 -9.11 39.02
C GLY B 67 -16.31 -9.13 38.26
N THR B 68 -16.22 -9.96 37.23
CA THR B 68 -15.01 -10.04 36.41
C THR B 68 -15.03 -8.94 35.35
N VAL B 69 -13.99 -8.11 35.35
CA VAL B 69 -13.84 -7.05 34.37
C VAL B 69 -12.62 -7.37 33.51
N ASN B 70 -12.86 -7.75 32.26
CA ASN B 70 -11.80 -7.92 31.27
C ASN B 70 -11.68 -6.67 30.42
N ILE B 71 -10.45 -6.23 30.18
CA ILE B 71 -10.16 -5.06 29.36
C ILE B 71 -9.30 -5.50 28.18
N PHE B 72 -9.67 -5.06 26.99
CA PHE B 72 -8.89 -5.27 25.78
C PHE B 72 -8.51 -3.91 25.22
N LEU B 73 -7.23 -3.74 24.89
CA LEU B 73 -6.75 -2.50 24.31
C LEU B 73 -6.01 -2.85 23.03
N VAL B 74 -6.36 -2.20 21.93
CA VAL B 74 -5.67 -2.45 20.65
C VAL B 74 -5.35 -1.13 19.98
N ASP B 75 -4.10 -0.97 19.57
CA ASP B 75 -3.66 0.16 18.79
C ASP B 75 -3.83 -0.19 17.32
N PHE B 76 -4.27 0.77 16.51
CA PHE B 76 -4.45 0.48 15.10
C PHE B 76 -4.10 1.68 14.24
N ASP B 77 -3.54 1.38 13.05
CA ASP B 77 -3.47 2.34 11.97
C ASP B 77 -3.67 1.64 10.63
N THR B 78 -2.61 1.46 9.85
CA THR B 78 -2.73 0.74 8.58
C THR B 78 -3.25 -0.68 8.82
N LEU B 79 -2.85 -1.30 9.93
CA LEU B 79 -3.45 -2.51 10.47
C LEU B 79 -3.58 -2.33 11.97
N ALA B 80 -4.32 -3.23 12.62
CA ALA B 80 -4.23 -3.31 14.07
C ALA B 80 -2.84 -3.82 14.44
N ASN B 81 -2.26 -3.20 15.47
CA ASN B 81 -0.89 -3.51 15.84
C ASN B 81 -0.86 -4.35 17.11
N LYS B 82 -0.20 -3.86 18.16
CA LYS B 82 -0.15 -4.60 19.41
C LYS B 82 -1.48 -4.49 20.17
N SER B 83 -1.79 -5.54 20.92
CA SER B 83 -3.00 -5.56 21.75
C SER B 83 -2.71 -6.35 23.02
N VAL B 84 -3.59 -6.20 24.00
CA VAL B 84 -3.49 -6.98 25.23
C VAL B 84 -4.87 -7.14 25.84
N SER B 85 -5.09 -8.30 26.45
CA SER B 85 -6.31 -8.60 27.20
C SER B 85 -5.89 -8.83 28.64
N VAL B 86 -6.50 -8.10 29.57
CA VAL B 86 -6.17 -8.21 30.99
C VAL B 86 -7.44 -8.37 31.80
N ASN B 87 -7.30 -9.03 32.95
CA ASN B 87 -8.29 -8.98 34.00
C ASN B 87 -7.89 -7.83 34.91
N LEU B 88 -8.78 -6.84 35.06
CA LEU B 88 -8.41 -5.57 35.65
C LEU B 88 -7.96 -5.71 37.10
N LYS B 89 -8.43 -6.75 37.79
CA LYS B 89 -8.11 -6.92 39.19
C LYS B 89 -6.75 -7.54 39.44
N ASP B 90 -6.07 -7.99 38.39
CA ASP B 90 -4.70 -8.48 38.53
C ASP B 90 -3.74 -7.32 38.77
N SER B 91 -2.68 -7.60 39.53
CA SER B 91 -1.77 -6.52 39.94
C SER B 91 -0.95 -5.97 38.79
N ASN B 92 -0.80 -6.72 37.70
CA ASN B 92 -0.06 -6.27 36.53
C ASN B 92 -0.96 -5.70 35.45
N ALA B 93 -2.26 -5.55 35.72
CA ALA B 93 -3.20 -5.12 34.69
C ALA B 93 -2.82 -3.78 34.10
N LEU B 94 -2.58 -2.78 34.95
CA LEU B 94 -2.29 -1.44 34.46
C LEU B 94 -0.95 -1.38 33.73
N SER B 95 0.04 -2.13 34.20
CA SER B 95 1.34 -2.11 33.55
C SER B 95 1.28 -2.78 32.18
N GLN B 96 0.53 -3.87 32.05
CA GLN B 96 0.38 -4.51 30.75
C GLN B 96 -0.36 -3.62 29.77
N LEU B 97 -1.42 -2.95 30.22
CA LEU B 97 -2.08 -1.97 29.38
C LEU B 97 -1.13 -0.84 29.01
N GLN B 98 -0.29 -0.40 29.97
CA GLN B 98 0.64 0.67 29.70
C GLN B 98 1.64 0.29 28.62
N ALA B 99 2.04 -0.99 28.57
CA ALA B 99 2.96 -1.43 27.53
C ALA B 99 2.37 -1.20 26.15
N ILE B 100 1.08 -1.49 25.97
CA ILE B 100 0.43 -1.25 24.69
C ILE B 100 0.37 0.24 24.39
N LEU B 101 0.01 1.05 25.40
CA LEU B 101 -0.04 2.50 25.20
C LEU B 101 1.32 3.03 24.74
N ASP B 102 2.41 2.55 25.34
CA ASP B 102 3.73 3.09 24.98
C ASP B 102 4.14 2.70 23.56
N SER B 103 3.60 1.60 23.04
CA SER B 103 3.92 1.17 21.68
C SER B 103 3.23 2.01 20.61
N MET B 104 2.24 2.82 20.98
CA MET B 104 1.48 3.59 20.01
C MET B 104 2.35 4.68 19.40
N ASP B 105 2.46 4.68 18.07
CA ASP B 105 3.20 5.69 17.33
C ASP B 105 2.19 6.43 16.46
N GLY B 106 1.96 7.71 16.78
CA GLY B 106 1.05 8.53 16.01
C GLY B 106 1.72 9.65 15.27
N SER B 107 3.03 9.53 15.05
CA SER B 107 3.79 10.59 14.40
C SER B 107 3.38 10.76 12.95
N THR B 108 3.68 11.94 12.40
CA THR B 108 3.31 12.21 11.01
C THR B 108 4.07 11.31 10.05
N ASN B 109 5.34 11.00 10.37
CA ASN B 109 6.17 10.23 9.46
C ASN B 109 5.85 8.75 9.47
N SER B 110 5.51 8.17 10.63
CA SER B 110 5.35 6.73 10.74
C SER B 110 4.08 6.32 11.49
N GLY B 111 3.10 7.22 11.60
CA GLY B 111 1.87 6.87 12.29
C GLY B 111 1.03 5.85 11.55
N GLY B 112 0.93 5.99 10.24
CA GLY B 112 0.23 5.01 9.42
C GLY B 112 -1.11 5.52 8.92
N GLY B 113 -1.85 4.61 8.29
CA GLY B 113 -3.16 4.91 7.75
C GLY B 113 -4.26 4.55 8.74
N THR B 114 -5.46 4.29 8.21
CA THR B 114 -6.62 4.07 9.06
C THR B 114 -7.43 2.90 8.51
N ASN B 115 -7.32 1.75 9.17
CA ASN B 115 -7.98 0.53 8.72
C ASN B 115 -9.05 0.14 9.73
N TYR B 116 -10.28 0.63 9.52
CA TYR B 116 -11.39 0.24 10.38
C TYR B 116 -11.63 -1.26 10.32
N GLU B 117 -11.64 -1.82 9.11
CA GLU B 117 -12.01 -3.21 8.96
C GLU B 117 -11.12 -4.12 9.80
N ASP B 118 -9.81 -3.88 9.77
CA ASP B 118 -8.91 -4.79 10.48
C ASP B 118 -9.08 -4.66 11.99
N VAL B 119 -9.26 -3.43 12.50
CA VAL B 119 -9.39 -3.29 13.95
C VAL B 119 -10.74 -3.84 14.43
N PHE B 120 -11.80 -3.66 13.66
CA PHE B 120 -13.09 -4.26 14.02
C PHE B 120 -12.98 -5.77 14.06
N LYS B 121 -12.30 -6.38 13.08
CA LYS B 121 -12.19 -7.83 13.06
C LYS B 121 -11.28 -8.34 14.19
N THR B 122 -10.20 -7.61 14.46
CA THR B 122 -9.34 -7.96 15.59
C THR B 122 -10.11 -7.93 16.89
N THR B 123 -10.94 -6.91 17.08
CA THR B 123 -11.68 -6.78 18.32
C THR B 123 -12.82 -7.79 18.40
N ALA B 124 -13.49 -8.04 17.27
CA ALA B 124 -14.49 -9.10 17.25
C ALA B 124 -13.86 -10.46 17.61
N ASN B 125 -12.61 -10.69 17.19
CA ASN B 125 -11.93 -11.92 17.58
C ASN B 125 -11.80 -12.01 19.09
N TRP B 126 -11.48 -10.89 19.75
CA TRP B 126 -11.38 -10.90 21.20
C TRP B 126 -12.70 -11.30 21.84
N PHE B 127 -13.81 -10.75 21.34
CA PHE B 127 -15.11 -11.14 21.89
C PHE B 127 -15.47 -12.60 21.60
N ASN B 128 -14.75 -13.26 20.70
CA ASN B 128 -14.90 -14.70 20.49
C ASN B 128 -13.97 -15.52 21.37
N SER B 129 -13.05 -14.90 22.10
CA SER B 129 -12.04 -15.65 22.82
C SER B 129 -12.66 -16.36 24.03
N SER B 130 -11.90 -17.32 24.56
CA SER B 130 -12.34 -18.05 25.75
C SER B 130 -12.46 -17.13 26.96
N THR B 131 -11.59 -16.11 27.05
CA THR B 131 -11.67 -15.15 28.14
C THR B 131 -13.03 -14.45 28.17
N VAL B 132 -13.45 -13.92 27.02
CA VAL B 132 -14.71 -13.18 26.97
C VAL B 132 -15.90 -14.11 27.04
N GLN B 133 -15.85 -15.22 26.31
CA GLN B 133 -16.99 -16.14 26.31
C GLN B 133 -17.20 -16.77 27.67
N GLY B 134 -16.14 -17.01 28.43
CA GLY B 134 -16.27 -17.55 29.77
C GLY B 134 -16.82 -16.54 30.77
N ASN B 135 -16.69 -15.24 30.49
CA ASN B 135 -17.20 -14.18 31.36
C ASN B 135 -18.65 -13.90 30.99
N THR B 136 -19.55 -14.74 31.51
CA THR B 136 -20.93 -14.77 31.05
C THR B 136 -21.76 -13.65 31.66
N ASN B 137 -22.91 -13.39 31.02
CA ASN B 137 -23.86 -12.35 31.44
C ASN B 137 -23.18 -11.00 31.60
N ALA B 138 -22.16 -10.76 30.80
CA ALA B 138 -21.38 -9.53 30.92
C ALA B 138 -22.01 -8.43 30.08
N LYS B 139 -21.64 -7.20 30.42
CA LYS B 139 -21.89 -6.07 29.53
C LYS B 139 -20.68 -5.98 28.59
N ASN B 140 -20.92 -6.16 27.31
CA ASN B 140 -19.87 -6.14 26.30
C ASN B 140 -19.89 -4.79 25.61
N LEU B 141 -18.82 -4.02 25.79
CA LEU B 141 -18.75 -2.64 25.37
C LEU B 141 -17.42 -2.40 24.67
N THR B 142 -17.44 -1.59 23.62
CA THR B 142 -16.22 -1.18 22.94
C THR B 142 -16.25 0.32 22.72
N TYR B 143 -15.14 0.97 23.06
CA TYR B 143 -14.92 2.37 22.70
C TYR B 143 -14.09 2.40 21.42
N PHE B 144 -14.59 3.13 20.44
CA PHE B 144 -13.94 3.28 19.12
C PHE B 144 -13.49 4.74 19.01
N ILE B 145 -12.18 4.95 19.07
CA ILE B 145 -11.58 6.28 19.18
C ILE B 145 -10.77 6.56 17.93
N THR B 146 -11.20 7.54 17.12
CA THR B 146 -10.58 7.77 15.82
C THR B 146 -10.64 9.26 15.47
N ASP B 147 -9.71 9.67 14.62
CA ASP B 147 -9.66 11.06 14.15
C ASP B 147 -9.87 11.20 12.64
N GLY B 148 -10.22 10.13 11.94
CA GLY B 148 -10.35 10.22 10.50
C GLY B 148 -11.16 9.08 9.92
N GLN B 149 -11.59 9.28 8.67
CA GLN B 149 -12.28 8.24 7.94
C GLN B 149 -11.31 7.12 7.59
N PRO B 150 -11.82 5.92 7.31
CA PRO B 150 -10.92 4.82 6.94
C PRO B 150 -10.30 5.06 5.58
N THR B 151 -9.02 4.70 5.46
CA THR B 151 -8.30 4.83 4.20
C THR B 151 -7.66 3.52 3.75
N PHE B 152 -7.71 2.48 4.58
CA PHE B 152 -7.29 1.15 4.19
C PHE B 152 -8.38 0.18 4.61
N TYR B 153 -8.36 -0.99 3.99
CA TYR B 153 -9.23 -2.11 4.35
C TYR B 153 -8.50 -3.39 3.97
N LEU B 154 -9.21 -4.52 4.02
CA LEU B 154 -8.61 -5.80 3.65
C LEU B 154 -9.39 -6.40 2.48
N GLU B 155 -8.67 -7.04 1.57
CA GLU B 155 -9.29 -7.79 0.49
C GLU B 155 -8.63 -9.15 0.36
N ASN B 156 -9.15 -9.96 -0.57
CA ASN B 156 -8.57 -11.25 -0.89
C ASN B 156 -8.57 -12.21 0.30
N GLU B 157 -9.53 -12.02 1.22
CA GLU B 157 -9.54 -12.82 2.43
C GLU B 157 -9.74 -14.30 2.11
N GLY B 158 -8.86 -15.14 2.65
CA GLY B 158 -8.97 -16.57 2.45
C GLY B 158 -8.38 -17.06 1.15
N SER B 159 -7.83 -16.17 0.35
CA SER B 159 -7.20 -16.58 -0.89
C SER B 159 -5.91 -17.35 -0.58
N ASP B 160 -5.37 -17.96 -1.62
CA ASP B 160 -4.25 -18.89 -1.50
C ASP B 160 -3.15 -18.42 -2.44
N PRO B 161 -2.28 -17.49 -2.01
CA PRO B 161 -1.30 -16.91 -2.91
C PRO B 161 -0.17 -17.86 -3.23
N MET B 162 0.39 -17.67 -4.41
CA MET B 162 1.62 -18.34 -4.81
C MET B 162 2.78 -17.86 -3.96
N ILE B 163 3.56 -18.80 -3.45
CA ILE B 163 4.76 -18.49 -2.67
C ILE B 163 6.02 -18.67 -3.51
N ARG B 164 6.11 -19.77 -4.25
CA ARG B 164 7.25 -20.04 -5.13
C ARG B 164 6.74 -20.58 -6.46
N ASP B 165 7.00 -19.85 -7.53
CA ASP B 165 6.55 -20.20 -8.87
C ASP B 165 7.76 -20.70 -9.64
N ARG B 166 7.74 -21.98 -10.01
CA ARG B 166 8.80 -22.55 -10.83
C ARG B 166 8.21 -23.02 -12.16
N SER B 167 9.09 -23.48 -13.05
CA SER B 167 8.64 -23.90 -14.37
C SER B 167 7.57 -24.97 -14.25
N GLY B 168 6.59 -24.90 -15.14
CA GLY B 168 5.49 -25.83 -15.05
C GLY B 168 4.61 -25.48 -13.87
N THR B 169 3.88 -26.49 -13.38
CA THR B 169 2.94 -26.24 -12.30
C THR B 169 3.19 -27.22 -11.16
N VAL B 170 3.75 -28.39 -11.48
CA VAL B 170 3.80 -29.46 -10.49
C VAL B 170 4.57 -29.05 -9.25
N ASN B 171 5.58 -28.18 -9.38
CA ASN B 171 6.47 -27.80 -8.29
C ASN B 171 6.15 -26.42 -7.69
N ASP B 172 5.05 -25.79 -8.11
CA ASP B 172 4.69 -24.49 -7.53
C ASP B 172 4.23 -24.67 -6.09
N VAL B 173 4.63 -23.74 -5.23
CA VAL B 173 4.30 -23.77 -3.82
C VAL B 173 3.33 -22.64 -3.52
N TYR B 174 2.18 -22.98 -2.91
CA TYR B 174 1.16 -22.03 -2.51
C TYR B 174 1.16 -21.93 -0.99
N LEU B 175 0.51 -20.88 -0.48
CA LEU B 175 0.48 -20.72 0.98
C LEU B 175 -0.15 -21.93 1.65
N SER B 176 -1.15 -22.54 1.01
CA SER B 176 -1.80 -23.72 1.57
C SER B 176 -0.82 -24.87 1.74
N ASN B 177 0.20 -24.95 0.89
CA ASN B 177 1.23 -25.98 1.06
C ASN B 177 2.08 -25.74 2.29
N VAL B 178 2.14 -24.50 2.76
CA VAL B 178 2.97 -24.14 3.90
C VAL B 178 2.21 -24.23 5.20
N ILE B 179 1.04 -23.59 5.26
CA ILE B 179 0.29 -23.51 6.51
C ILE B 179 -0.82 -24.55 6.61
N GLY B 180 -1.21 -25.17 5.51
CA GLY B 180 -2.27 -26.15 5.57
C GLY B 180 -3.58 -25.53 6.02
N THR B 181 -4.35 -26.31 6.77
CA THR B 181 -5.63 -25.86 7.29
C THR B 181 -5.60 -25.64 8.80
N SER B 182 -4.44 -25.69 9.43
CA SER B 182 -4.32 -25.56 10.88
C SER B 182 -3.29 -24.50 11.26
N TYR B 183 -3.33 -23.35 10.60
CA TYR B 183 -2.44 -22.26 10.93
C TYR B 183 -2.61 -21.84 12.39
N THR B 184 -1.48 -21.65 13.07
CA THR B 184 -1.44 -21.19 14.46
C THR B 184 -0.78 -19.82 14.48
N TYR B 185 -1.55 -18.79 14.84
CA TYR B 185 -0.98 -17.45 14.92
C TYR B 185 0.18 -17.41 15.91
N GLY B 186 1.29 -16.82 15.47
CA GLY B 186 2.50 -16.72 16.26
C GLY B 186 3.54 -17.77 15.94
N GLN B 187 3.14 -18.89 15.35
CA GLN B 187 4.10 -19.88 14.89
C GLN B 187 4.70 -19.43 13.57
N THR B 188 6.00 -19.63 13.42
CA THR B 188 6.70 -19.29 12.18
C THR B 188 6.65 -20.47 11.21
N TYR B 189 6.43 -20.17 9.93
CA TYR B 189 6.34 -21.19 8.90
C TYR B 189 7.34 -20.85 7.81
N SER B 190 7.95 -21.89 7.24
CA SER B 190 9.04 -21.70 6.29
C SER B 190 8.99 -22.75 5.18
N VAL B 191 9.68 -22.42 4.09
CA VAL B 191 9.89 -23.34 2.97
C VAL B 191 11.38 -23.31 2.68
N ASN B 192 12.03 -24.48 2.81
CA ASN B 192 13.48 -24.58 2.59
C ASN B 192 14.23 -23.55 3.44
N GLY B 193 13.71 -23.30 4.64
CA GLY B 193 14.35 -22.38 5.54
C GLY B 193 14.01 -20.92 5.32
N ARG B 194 13.26 -20.58 4.27
CA ARG B 194 12.87 -19.20 4.04
C ARG B 194 11.56 -18.92 4.74
N THR B 195 11.51 -17.86 5.52
CA THR B 195 10.33 -17.54 6.30
C THR B 195 9.18 -17.12 5.38
N VAL B 196 8.08 -17.85 5.47
CA VAL B 196 6.86 -17.54 4.71
C VAL B 196 5.82 -16.86 5.57
N VAL B 197 5.67 -17.28 6.84
CA VAL B 197 4.82 -16.56 7.79
C VAL B 197 5.64 -16.32 9.04
N ASN B 198 5.81 -15.06 9.43
CA ASN B 198 6.56 -14.77 10.64
C ASN B 198 5.64 -14.80 11.86
N GLY B 199 6.22 -14.51 13.03
CA GLY B 199 5.48 -14.64 14.28
C GLY B 199 4.40 -13.60 14.46
N ASN B 200 4.42 -12.54 13.67
CA ASN B 200 3.37 -11.53 13.66
C ASN B 200 2.36 -11.76 12.55
N GLY B 201 2.45 -12.87 11.86
CA GLY B 201 1.51 -13.18 10.80
C GLY B 201 1.81 -12.55 9.45
N VAL B 202 2.93 -11.86 9.30
CA VAL B 202 3.27 -11.28 7.99
C VAL B 202 3.64 -12.41 7.04
N VAL B 203 3.10 -12.35 5.82
CA VAL B 203 3.30 -13.40 4.82
C VAL B 203 4.26 -12.89 3.75
N TYR B 204 5.28 -13.71 3.47
CA TYR B 204 6.32 -13.39 2.49
C TYR B 204 6.34 -14.47 1.43
N ASP B 205 6.66 -14.08 0.21
CA ASP B 205 6.92 -15.05 -0.83
C ASP B 205 8.34 -15.59 -0.71
N TYR B 206 8.67 -16.52 -1.60
CA TYR B 206 9.97 -17.18 -1.55
C TYR B 206 11.13 -16.22 -1.80
N ASN B 207 10.89 -15.09 -2.46
CA ASN B 207 11.91 -14.08 -2.69
C ASN B 207 12.12 -13.17 -1.49
N GLY B 208 11.36 -13.36 -0.43
CA GLY B 208 11.47 -12.55 0.75
C GLY B 208 10.63 -11.29 0.73
N ASN B 209 9.73 -11.16 -0.23
CA ASN B 209 8.94 -9.95 -0.35
C ASN B 209 7.58 -10.15 0.32
N GLN B 210 7.16 -9.15 1.08
CA GLN B 210 5.88 -9.24 1.78
C GLN B 210 4.74 -9.19 0.77
N ILE B 211 3.78 -10.10 0.91
CA ILE B 211 2.63 -10.19 -0.01
C ILE B 211 1.30 -10.00 0.71
N GLY B 212 1.22 -10.38 1.98
CA GLY B 212 -0.03 -10.23 2.70
C GLY B 212 0.19 -10.47 4.17
N TYR B 213 -0.91 -10.83 4.84
CA TYR B 213 -0.89 -11.00 6.29
C TYR B 213 -1.91 -12.05 6.67
N MET B 214 -1.63 -12.78 7.74
CA MET B 214 -2.66 -13.58 8.40
C MET B 214 -3.33 -12.65 9.41
N ARG B 215 -4.61 -12.33 9.18
CA ARG B 215 -5.31 -11.34 9.98
C ARG B 215 -6.52 -11.97 10.66
N PRO B 216 -6.94 -11.43 11.81
CA PRO B 216 -8.20 -11.87 12.41
C PRO B 216 -9.34 -11.76 11.41
N ASP B 217 -10.23 -12.76 11.44
CA ASP B 217 -11.38 -12.75 10.54
C ASP B 217 -12.65 -12.23 11.20
N GLY B 218 -12.60 -11.93 12.50
CA GLY B 218 -13.78 -11.49 13.22
C GLY B 218 -14.64 -12.61 13.75
N ALA B 219 -14.23 -13.87 13.56
CA ALA B 219 -14.95 -15.03 14.05
C ALA B 219 -14.05 -15.94 14.89
N GLY B 220 -12.92 -15.42 15.37
CA GLY B 220 -12.02 -16.18 16.21
C GLY B 220 -10.89 -16.88 15.50
N ARG B 221 -10.70 -16.63 14.20
CA ARG B 221 -9.62 -17.26 13.45
C ARG B 221 -8.72 -16.20 12.83
N TYR B 222 -7.63 -16.67 12.23
CA TYR B 222 -6.73 -15.84 11.43
C TYR B 222 -6.75 -16.39 10.01
N VAL B 223 -6.97 -15.51 9.04
CA VAL B 223 -7.13 -15.88 7.64
C VAL B 223 -6.27 -14.94 6.80
N TYR B 224 -5.73 -15.46 5.70
CA TYR B 224 -4.90 -14.63 4.83
C TYR B 224 -5.70 -13.45 4.29
N ALA B 225 -5.04 -12.29 4.20
CA ALA B 225 -5.65 -11.12 3.60
C ALA B 225 -4.57 -10.22 3.03
N THR B 226 -4.96 -9.35 2.11
CA THR B 226 -4.05 -8.33 1.62
C THR B 226 -4.58 -6.95 1.98
N LEU B 227 -3.64 -6.03 2.17
CA LEU B 227 -3.98 -4.65 2.41
C LEU B 227 -4.53 -4.01 1.13
N ALA B 228 -5.62 -3.27 1.28
CA ALA B 228 -6.28 -2.62 0.16
C ALA B 228 -6.53 -1.16 0.51
N GLY B 229 -6.69 -0.35 -0.52
CA GLY B 229 -6.94 1.06 -0.32
C GLY B 229 -5.67 1.87 -0.52
N THR B 230 -5.87 3.18 -0.63
CA THR B 230 -4.76 4.08 -0.96
C THR B 230 -4.05 4.62 0.25
N GLY B 231 -4.72 4.68 1.41
CA GLY B 231 -4.17 5.34 2.56
C GLY B 231 -4.31 6.84 2.56
N ASN B 232 -4.78 7.45 1.47
CA ASN B 232 -4.94 8.89 1.36
C ASN B 232 -6.32 9.30 0.88
N SER B 233 -7.30 8.40 0.93
CA SER B 233 -8.63 8.67 0.41
C SER B 233 -9.57 7.58 0.87
N THR B 234 -10.86 7.83 0.73
CA THR B 234 -11.91 6.94 1.21
C THR B 234 -12.89 6.74 0.06
N SER B 235 -13.01 5.51 -0.40
CA SER B 235 -13.94 5.17 -1.47
C SER B 235 -15.16 4.47 -0.89
N SER B 236 -16.20 4.37 -1.74
CA SER B 236 -17.38 3.59 -1.35
C SER B 236 -17.01 2.16 -1.01
N THR B 237 -15.99 1.59 -1.66
CA THR B 237 -15.53 0.25 -1.32
C THR B 237 -14.89 0.21 0.06
N THR B 238 -14.05 1.20 0.38
CA THR B 238 -13.48 1.31 1.72
C THR B 238 -14.58 1.33 2.77
N ILE B 239 -15.62 2.12 2.53
CA ILE B 239 -16.72 2.22 3.49
C ILE B 239 -17.46 0.89 3.60
N ALA B 240 -17.78 0.27 2.47
CA ALA B 240 -18.51 -0.98 2.51
C ALA B 240 -17.75 -2.03 3.30
N ASN B 241 -16.43 -2.10 3.12
CA ASN B 241 -15.64 -3.08 3.86
C ASN B 241 -15.60 -2.74 5.34
N SER B 242 -15.57 -1.45 5.68
CA SER B 242 -15.55 -1.06 7.09
C SER B 242 -16.88 -1.38 7.75
N VAL B 243 -17.99 -1.06 7.08
CA VAL B 243 -19.32 -1.32 7.62
C VAL B 243 -19.57 -2.81 7.78
N ALA B 244 -19.15 -3.62 6.79
CA ALA B 244 -19.30 -5.06 6.93
C ALA B 244 -18.48 -5.59 8.10
N GLY B 245 -17.24 -5.12 8.25
CA GLY B 245 -16.43 -5.55 9.37
C GLY B 245 -17.04 -5.16 10.70
N PHE B 246 -17.62 -3.96 10.77
CA PHE B 246 -18.27 -3.51 11.99
C PHE B 246 -19.40 -4.44 12.41
N GLY B 247 -20.13 -4.98 11.43
CA GLY B 247 -21.19 -5.92 11.74
C GLY B 247 -20.70 -7.17 12.44
N LEU B 248 -19.46 -7.58 12.18
CA LEU B 248 -18.92 -8.73 12.89
C LEU B 248 -18.69 -8.39 14.36
N LEU B 249 -18.30 -7.15 14.65
CA LEU B 249 -18.11 -6.75 16.03
C LEU B 249 -19.44 -6.62 16.76
N THR B 250 -20.40 -5.89 16.18
CA THR B 250 -21.69 -5.75 16.86
C THR B 250 -22.42 -7.08 16.95
N GLY B 251 -22.21 -7.97 15.99
CA GLY B 251 -22.85 -9.28 16.01
C GLY B 251 -22.32 -10.21 17.08
N MET B 252 -21.26 -9.83 17.78
CA MET B 252 -20.87 -10.54 18.98
C MET B 252 -21.66 -10.08 20.20
N GLY B 253 -22.68 -9.25 19.98
CA GLY B 253 -23.44 -8.69 21.08
C GLY B 253 -22.74 -7.55 21.79
N VAL B 254 -22.10 -6.66 21.03
CA VAL B 254 -21.24 -5.62 21.58
C VAL B 254 -21.87 -4.26 21.33
N THR B 255 -21.94 -3.45 22.38
CA THR B 255 -22.35 -2.05 22.25
C THR B 255 -21.11 -1.22 21.95
N VAL B 256 -21.15 -0.44 20.88
CA VAL B 256 -20.00 0.35 20.45
C VAL B 256 -20.26 1.81 20.68
N GLU B 257 -19.31 2.47 21.33
CA GLU B 257 -19.34 3.90 21.58
C GLU B 257 -18.21 4.54 20.78
N ALA B 258 -18.59 5.29 19.75
CA ALA B 258 -17.62 5.94 18.87
C ALA B 258 -17.34 7.35 19.38
N ILE B 259 -16.07 7.73 19.33
CA ILE B 259 -15.60 9.03 19.80
C ILE B 259 -14.72 9.62 18.71
N GLY B 260 -15.11 10.78 18.20
CA GLY B 260 -14.37 11.45 17.15
C GLY B 260 -13.47 12.53 17.70
N LEU B 261 -12.16 12.35 17.52
CA LEU B 261 -11.16 13.32 17.94
C LEU B 261 -10.84 14.29 16.82
N GLY B 262 -10.63 15.55 17.17
CA GLY B 262 -10.13 16.52 16.23
C GLY B 262 -11.19 17.09 15.32
N ALA B 263 -10.71 17.84 14.32
CA ALA B 263 -11.57 18.64 13.46
C ALA B 263 -11.88 17.99 12.12
N ASN B 264 -11.35 16.80 11.84
CA ASN B 264 -11.48 16.18 10.53
C ASN B 264 -12.35 14.93 10.53
N ILE B 265 -13.16 14.74 11.57
CA ILE B 265 -14.08 13.61 11.63
C ILE B 265 -15.44 14.12 12.08
N SER B 266 -16.46 13.90 11.27
CA SER B 266 -17.79 14.45 11.50
C SER B 266 -18.71 13.39 12.12
N TYR B 267 -19.84 13.87 12.65
CA TYR B 267 -20.89 12.96 13.08
C TYR B 267 -21.28 12.01 11.95
N ASN B 268 -21.42 12.54 10.74
CA ASN B 268 -21.84 11.70 9.62
C ASN B 268 -20.79 10.64 9.31
N ASP B 269 -19.51 10.95 9.50
CA ASP B 269 -18.46 9.96 9.29
C ASP B 269 -18.56 8.79 10.26
N LEU B 270 -19.09 9.02 11.46
CA LEU B 270 -19.09 8.02 12.51
C LEU B 270 -20.44 7.35 12.77
N LYS B 271 -21.52 7.80 12.10
CA LYS B 271 -22.85 7.31 12.42
C LYS B 271 -22.99 5.80 12.20
N SER B 272 -22.25 5.23 11.25
CA SER B 272 -22.34 3.81 10.98
C SER B 272 -21.61 2.96 12.00
N TYR B 273 -20.83 3.57 12.88
CA TYR B 273 -19.94 2.85 13.78
C TYR B 273 -20.25 3.11 15.25
N ASP B 274 -21.51 3.41 15.55
CA ASP B 274 -21.93 3.74 16.91
C ASP B 274 -23.32 3.17 17.15
N SER B 275 -23.50 2.53 18.32
CA SER B 275 -24.67 1.70 18.52
C SER B 275 -25.96 2.50 18.76
N ASP B 276 -25.87 3.71 19.29
CA ASP B 276 -27.07 4.47 19.65
C ASP B 276 -27.25 5.78 18.89
N GLY B 277 -26.32 6.18 18.04
CA GLY B 277 -26.47 7.41 17.32
C GLY B 277 -26.14 8.67 18.10
N VAL B 278 -25.82 8.57 19.38
CA VAL B 278 -25.30 9.70 20.14
C VAL B 278 -23.79 9.63 20.07
N ILE B 279 -23.17 10.62 19.43
CA ILE B 279 -21.75 10.58 19.10
C ILE B 279 -21.13 11.93 19.37
N MET B 280 -20.07 11.94 20.18
CA MET B 280 -19.28 13.14 20.44
C MET B 280 -18.19 13.25 19.37
N THR B 281 -18.19 14.36 18.64
CA THR B 281 -17.17 14.66 17.65
C THR B 281 -16.45 15.94 18.05
N GLY B 282 -15.33 16.20 17.39
CA GLY B 282 -14.51 17.34 17.75
C GLY B 282 -13.93 17.27 19.15
N VAL B 283 -13.89 16.08 19.75
CA VAL B 283 -13.33 15.92 21.08
C VAL B 283 -11.83 16.16 21.01
N ASN B 284 -11.33 17.09 21.83
CA ASN B 284 -9.91 17.33 21.88
C ASN B 284 -9.21 16.19 22.62
N ALA B 285 -7.95 15.96 22.27
CA ALA B 285 -7.19 14.88 22.91
C ALA B 285 -7.14 15.04 24.41
N SER B 286 -7.09 16.29 24.90
CA SER B 286 -7.02 16.56 26.33
C SER B 286 -8.32 16.23 27.05
N ASP B 287 -9.42 16.03 26.34
CA ASP B 287 -10.72 15.76 26.95
C ASP B 287 -11.16 14.32 26.76
N LEU B 288 -10.25 13.43 26.35
CA LEU B 288 -10.65 12.06 26.01
C LEU B 288 -11.18 11.32 27.22
N ALA B 289 -10.50 11.44 28.36
CA ALA B 289 -10.96 10.73 29.56
C ALA B 289 -12.35 11.18 29.98
N ASN B 290 -12.62 12.48 29.88
CA ASN B 290 -13.96 12.98 30.20
C ASN B 290 -14.99 12.51 29.18
N ALA B 291 -14.61 12.39 27.91
CA ALA B 291 -15.54 11.85 26.92
C ALA B 291 -15.88 10.39 27.21
N ILE B 292 -14.94 9.65 27.79
CA ILE B 292 -15.16 8.23 28.09
C ILE B 292 -15.87 8.05 29.42
N LEU B 293 -15.42 8.74 30.47
CA LEU B 293 -15.93 8.56 31.81
C LEU B 293 -16.98 9.59 32.22
N GLY B 294 -17.01 10.73 31.56
CA GLY B 294 -17.84 11.85 31.99
C GLY B 294 -17.05 12.85 32.80
N THR B 295 -17.59 14.06 32.90
CA THR B 295 -16.97 15.07 33.74
C THR B 295 -16.98 14.58 35.20
N SER B 296 -15.88 14.83 35.90
CA SER B 296 -15.71 14.27 37.23
C SER B 296 -16.60 15.05 38.20
N VAL B 297 -17.68 14.41 38.64
CA VAL B 297 -18.44 14.90 39.79
C VAL B 297 -18.60 13.74 40.75
N ASN B 298 -18.64 14.05 42.04
CA ASN B 298 -18.78 13.00 43.04
C ASN B 298 -19.43 13.45 44.32
CA CA C . 12.71 4.61 -27.17
CA CA D . 4.12 2.05 -30.07
CA CA E . 2.80 6.90 -34.70
CA CA F . 2.08 -8.96 -15.98
CA CA G . 18.57 -30.81 -13.38
CA CA H . -8.66 12.58 -17.93
CA CA I . 4.72 -22.38 -12.27
CA CA J . -6.06 9.96 10.66
CA CA K . 0.42 4.21 14.54
CA CA L . -12.69 -6.88 3.35
CA CA M . -23.03 6.30 21.15
CA CA N . -28.95 0.30 17.78
C1 GOL O . 9.61 -20.08 -13.59
O1 GOL O . 8.25 -20.42 -13.74
C2 GOL O . 10.12 -19.48 -14.88
O2 GOL O . 10.69 -18.22 -14.60
C3 GOL O . 8.96 -19.38 -15.86
O3 GOL O . 8.96 -20.58 -16.61
#